data_6XZ5
#
_entry.id   6XZ5
#
_cell.length_a   97.278
_cell.length_b   97.278
_cell.length_c   46.041
_cell.angle_alpha   90.000
_cell.angle_beta   90.000
_cell.angle_gamma   120.000
#
_symmetry.space_group_name_H-M   'P 3 2 1'
#
loop_
_entity.id
_entity.type
_entity.pdbx_description
1 polymer 'Uncharacterized protein,RovC,Uncharacterized protein'
2 non-polymer 'SULFATE ION'
3 water water
#
_entity_poly.entity_id   1
_entity_poly.type   'polypeptide(L)'
_entity_poly.pdbx_seq_one_letter_code
;QGGGRMRKKLYNDFAWECLRRNPQYISDWELFMKNTLTNGGGIPDDSELIQSELDLNAEKKWGVMKYIDPYNSDPTNVFW
SLKLSNRSVRVKLSNTGNVKGGYTWGDMSNLPGVKHQRLLMHDNTLCVKIFSQNGYFQLFIESADALKD(UNK)(UNK)
(UNK)(UNK)(UNK)(UNK)(UNK)(UNK)(UNK)(UNK)(UNK)(UNK)(UNK)(UNK)(UNK)(UNK)(UNK)(UNK)
(UNK)(UNK)(UNK)(UNK)(UNK)(UNK)(UNK)(UNK)IVNHKIEVECKEEQYLGLLKTIDDRKQGFSHRDIASEIFG
KELVKNEWSADSWVRAKIRYRIKKANALINYGYLNFL
;
_entity_poly.pdbx_strand_id   A
#
# COMPACT_ATOMS: atom_id res chain seq x y z
N LYS A 8 4.11 -9.32 14.79
CA LYS A 8 3.21 -9.95 13.83
C LYS A 8 2.60 -8.91 12.91
N LYS A 9 2.12 -9.36 11.74
CA LYS A 9 1.49 -8.47 10.78
C LYS A 9 0.08 -8.16 11.24
N LEU A 10 -0.16 -6.91 11.62
CA LEU A 10 -1.46 -6.53 12.17
C LEU A 10 -2.52 -6.37 11.09
N TYR A 11 -2.24 -5.55 10.08
CA TYR A 11 -3.19 -5.26 9.02
C TYR A 11 -2.51 -5.42 7.66
N ASN A 12 -3.32 -5.31 6.62
CA ASN A 12 -2.86 -5.45 5.24
C ASN A 12 -3.17 -4.17 4.49
N ASP A 13 -2.13 -3.57 3.89
CA ASP A 13 -2.27 -2.37 3.07
C ASP A 13 -2.38 -2.81 1.61
N PHE A 14 -3.59 -2.72 1.06
CA PHE A 14 -3.81 -3.19 -0.30
C PHE A 14 -3.04 -2.34 -1.31
N ALA A 15 -2.95 -1.02 -1.08
CA ALA A 15 -2.19 -0.18 -1.98
C ALA A 15 -0.71 -0.54 -1.97
N TRP A 16 -0.19 -0.93 -0.81
CA TRP A 16 1.20 -1.39 -0.72
C TRP A 16 1.39 -2.73 -1.43
N GLU A 17 0.39 -3.61 -1.35
CA GLU A 17 0.47 -4.87 -2.07
C GLU A 17 0.52 -4.64 -3.58
N CYS A 18 -0.14 -3.60 -4.07
CA CYS A 18 -0.05 -3.25 -5.48
C CYS A 18 1.31 -2.64 -5.80
N LEU A 19 1.75 -1.68 -4.98
CA LEU A 19 2.98 -0.95 -5.28
C LEU A 19 4.21 -1.84 -5.22
N ARG A 20 4.30 -2.71 -4.21
CA ARG A 20 5.49 -3.55 -4.08
C ARG A 20 5.59 -4.61 -5.16
N ARG A 21 4.54 -4.81 -5.95
CA ARG A 21 4.59 -5.70 -7.12
C ARG A 21 4.90 -4.94 -8.40
N ASN A 22 5.09 -3.63 -8.33
CA ASN A 22 5.43 -2.84 -9.51
C ASN A 22 6.88 -3.09 -9.90
N PRO A 23 7.14 -3.58 -11.11
CA PRO A 23 8.54 -3.84 -11.51
C PRO A 23 9.41 -2.60 -11.49
N GLN A 24 8.85 -1.43 -11.84
CA GLN A 24 9.64 -0.21 -11.82
C GLN A 24 9.98 0.22 -10.40
N TYR A 25 9.05 0.02 -9.46
CA TYR A 25 9.35 0.34 -8.06
C TYR A 25 10.38 -0.63 -7.48
N ILE A 26 10.27 -1.91 -7.83
CA ILE A 26 11.25 -2.89 -7.37
C ILE A 26 12.64 -2.54 -7.89
N SER A 27 12.73 -2.11 -9.15
CA SER A 27 14.00 -1.65 -9.69
C SER A 27 14.48 -0.39 -8.97
N ASP A 28 13.56 0.53 -8.67
CA ASP A 28 13.94 1.75 -7.96
C ASP A 28 14.48 1.43 -6.57
N TRP A 29 13.83 0.51 -5.86
CA TRP A 29 14.29 0.17 -4.51
C TRP A 29 15.65 -0.50 -4.54
N GLU A 30 15.88 -1.39 -5.51
CA GLU A 30 17.19 -2.05 -5.61
C GLU A 30 18.28 -1.04 -5.96
N LEU A 31 17.96 -0.06 -6.80
CA LEU A 31 18.91 1.03 -7.05
C LEU A 31 19.14 1.85 -5.80
N PHE A 32 18.07 2.12 -5.04
CA PHE A 32 18.21 2.87 -3.80
C PHE A 32 19.05 2.13 -2.78
N MET A 33 18.97 0.79 -2.76
CA MET A 33 19.79 0.03 -1.83
C MET A 33 21.25 0.00 -2.26
N LYS A 34 21.50 -0.11 -3.58
CA LYS A 34 22.87 -0.22 -4.05
C LYS A 34 23.65 1.07 -3.82
N ASN A 35 23.04 2.23 -4.09
CA ASN A 35 23.74 3.49 -3.87
C ASN A 35 23.85 3.87 -2.40
N THR A 36 23.12 3.18 -1.51
CA THR A 36 23.24 3.44 -0.09
C THR A 36 24.08 2.38 0.63
N LEU A 37 24.27 1.21 0.03
CA LEU A 37 25.11 0.17 0.61
C LEU A 37 26.52 0.15 0.06
N THR A 38 26.72 0.56 -1.19
CA THR A 38 28.04 0.59 -1.80
C THR A 38 28.49 1.99 -2.21
N ASN A 39 27.61 3.00 -2.14
CA ASN A 39 27.98 4.37 -2.42
C ASN A 39 27.62 5.34 -1.30
N GLY A 40 26.85 4.90 -0.30
CA GLY A 40 26.40 5.79 0.75
C GLY A 40 26.81 5.36 2.15
N GLY A 41 25.95 5.66 3.13
CA GLY A 41 26.26 5.43 4.53
C GLY A 41 25.95 4.05 5.07
N GLY A 42 25.25 3.21 4.30
CA GLY A 42 24.96 1.85 4.71
C GLY A 42 23.47 1.57 4.71
N ILE A 43 23.02 0.84 5.72
CA ILE A 43 21.62 0.41 5.81
C ILE A 43 20.73 1.60 6.13
N PRO A 44 19.64 1.82 5.39
CA PRO A 44 18.73 2.94 5.66
C PRO A 44 17.98 2.78 6.98
N SER A 47 13.60 1.09 12.59
CA SER A 47 12.99 1.34 13.90
C SER A 47 12.85 2.84 14.15
N GLU A 48 13.87 3.60 13.76
CA GLU A 48 13.88 5.06 13.87
C GLU A 48 13.77 5.62 12.46
N LEU A 49 12.53 5.78 11.99
CA LEU A 49 12.27 6.13 10.60
C LEU A 49 12.54 7.62 10.38
N ILE A 50 13.50 7.92 9.51
CA ILE A 50 13.87 9.28 9.15
C ILE A 50 13.83 9.39 7.63
N GLN A 51 12.99 10.28 7.11
CA GLN A 51 12.87 10.46 5.66
C GLN A 51 14.04 11.29 5.16
N SER A 52 14.85 10.69 4.28
CA SER A 52 15.97 11.38 3.66
C SER A 52 15.52 12.04 2.36
N GLU A 53 16.48 12.64 1.65
CA GLU A 53 16.17 13.26 0.36
C GLU A 53 15.82 12.20 -0.68
N LEU A 54 16.52 11.06 -0.66
CA LEU A 54 16.20 9.98 -1.58
C LEU A 54 14.80 9.43 -1.34
N ASP A 55 14.38 9.38 -0.07
CA ASP A 55 13.03 8.91 0.25
C ASP A 55 11.98 9.88 -0.26
N LEU A 56 12.26 11.19 -0.23
CA LEU A 56 11.29 12.16 -0.71
C LEU A 56 11.11 12.08 -2.22
N ASN A 57 12.14 11.63 -2.94
CA ASN A 57 11.98 11.36 -4.37
C ASN A 57 10.96 10.25 -4.60
N ALA A 58 10.98 9.23 -3.73
CA ALA A 58 9.99 8.17 -3.83
C ALA A 58 8.60 8.65 -3.44
N GLU A 59 8.52 9.61 -2.52
CA GLU A 59 7.22 10.16 -2.15
C GLU A 59 6.60 10.93 -3.32
N LYS A 60 7.42 11.68 -4.05
CA LYS A 60 6.91 12.43 -5.20
C LYS A 60 6.71 11.55 -6.42
N LYS A 61 7.28 10.34 -6.43
CA LYS A 61 7.13 9.43 -7.56
C LYS A 61 6.14 8.31 -7.30
N TRP A 62 6.27 7.63 -6.15
CA TRP A 62 5.45 6.46 -5.86
C TRP A 62 4.37 6.72 -4.82
N GLY A 63 4.57 7.67 -3.91
CA GLY A 63 3.60 8.00 -2.89
C GLY A 63 4.02 7.65 -1.48
N VAL A 64 4.91 6.68 -1.32
CA VAL A 64 5.38 6.29 0.01
C VAL A 64 6.43 7.28 0.48
N MET A 65 6.31 7.72 1.74
CA MET A 65 7.25 8.68 2.28
C MET A 65 8.64 8.09 2.51
N LYS A 66 8.78 6.76 2.45
CA LYS A 66 10.06 6.11 2.68
C LYS A 66 10.14 4.86 1.83
N TYR A 67 11.30 4.65 1.21
CA TYR A 67 11.54 3.42 0.46
C TYR A 67 11.40 2.22 1.38
N ILE A 68 10.51 1.30 1.02
CA ILE A 68 10.25 0.11 1.81
C ILE A 68 10.58 -1.12 0.97
N ASP A 69 11.23 -2.10 1.59
CA ASP A 69 11.56 -3.36 0.96
C ASP A 69 10.30 -3.98 0.35
N PRO A 70 10.27 -4.21 -0.97
CA PRO A 70 9.05 -4.74 -1.59
C PRO A 70 8.80 -6.21 -1.28
N TYR A 71 9.77 -6.91 -0.68
CA TYR A 71 9.61 -8.31 -0.35
C TYR A 71 8.78 -8.54 0.91
N ASN A 72 8.56 -7.51 1.72
CA ASN A 72 7.87 -7.63 2.99
C ASN A 72 6.45 -7.08 2.87
N SER A 73 5.47 -7.91 3.25
CA SER A 73 4.07 -7.51 3.16
C SER A 73 3.60 -6.71 4.36
N ASP A 74 4.31 -6.77 5.48
CA ASP A 74 3.91 -6.03 6.68
C ASP A 74 4.02 -4.53 6.40
N PRO A 75 2.91 -3.78 6.44
CA PRO A 75 2.96 -2.37 6.09
C PRO A 75 3.22 -1.47 7.29
N THR A 76 3.98 -1.97 8.28
CA THR A 76 4.22 -1.19 9.49
C THR A 76 4.90 0.14 9.16
N ASN A 77 5.97 0.09 8.38
CA ASN A 77 6.74 1.27 8.04
C ASN A 77 6.33 1.88 6.70
N VAL A 78 5.17 1.49 6.16
CA VAL A 78 4.68 2.04 4.91
C VAL A 78 3.84 3.27 5.25
N PHE A 79 4.37 4.45 4.93
CA PHE A 79 3.68 5.72 5.14
C PHE A 79 3.32 6.32 3.79
N TRP A 80 2.11 6.87 3.70
CA TRP A 80 1.60 7.42 2.45
C TRP A 80 1.60 8.95 2.51
N SER A 81 1.93 9.57 1.37
CA SER A 81 2.08 11.01 1.32
C SER A 81 0.79 11.73 1.70
N LEU A 82 0.94 12.85 2.41
CA LEU A 82 -0.20 13.70 2.73
C LEU A 82 -0.86 14.23 1.46
N LYS A 83 -0.09 14.38 0.38
CA LYS A 83 -0.63 14.86 -0.88
C LYS A 83 -1.54 13.83 -1.55
N LEU A 84 -1.55 12.58 -1.08
CA LEU A 84 -2.36 11.53 -1.68
C LEU A 84 -3.29 10.83 -0.71
N SER A 85 -2.99 10.84 0.58
CA SER A 85 -3.73 10.03 1.54
C SER A 85 -5.09 10.63 1.86
N ASN A 86 -6.13 9.80 1.79
CA ASN A 86 -7.45 10.15 2.27
C ASN A 86 -7.70 9.63 3.68
N ARG A 87 -6.64 9.23 4.38
CA ARG A 87 -6.71 8.72 5.75
C ARG A 87 -5.70 9.43 6.63
N SER A 88 -5.59 10.74 6.46
CA SER A 88 -4.61 11.55 7.19
C SER A 88 -5.25 12.87 7.60
N VAL A 89 -4.77 13.42 8.72
CA VAL A 89 -5.24 14.70 9.23
C VAL A 89 -4.04 15.49 9.75
N ARG A 90 -4.20 16.80 9.82
CA ARG A 90 -3.24 17.67 10.47
C ARG A 90 -3.64 17.87 11.93
N VAL A 91 -2.71 17.61 12.84
CA VAL A 91 -2.97 17.64 14.27
C VAL A 91 -2.00 18.61 14.93
N LYS A 92 -2.52 19.40 15.86
CA LYS A 92 -1.70 20.32 16.64
C LYS A 92 -1.69 19.91 18.10
N LEU A 93 -0.66 20.35 18.81
CA LEU A 93 -0.49 20.01 20.22
C LEU A 93 -0.51 21.27 21.10
N TRP A 105 -2.98 12.14 24.05
CA TRP A 105 -2.26 11.33 23.08
C TRP A 105 -1.99 9.93 23.61
N GLY A 106 -1.59 9.85 24.88
CA GLY A 106 -1.29 8.55 25.48
C GLY A 106 -2.51 7.66 25.60
N ASP A 107 -3.70 8.25 25.70
CA ASP A 107 -4.92 7.45 25.77
C ASP A 107 -5.18 6.73 24.46
N MET A 108 -5.09 7.46 23.34
CA MET A 108 -5.40 6.88 22.04
C MET A 108 -4.35 5.87 21.59
N SER A 109 -3.08 6.11 21.94
CA SER A 109 -1.96 5.35 21.38
C SER A 109 -1.65 4.07 22.14
N ASN A 110 -2.31 3.80 23.27
CA ASN A 110 -1.98 2.64 24.10
C ASN A 110 -3.22 1.83 24.44
N LEU A 111 -4.01 1.52 23.42
CA LEU A 111 -5.09 0.56 23.66
C LEU A 111 -4.56 -0.86 23.43
N PRO A 112 -4.88 -1.81 24.31
CA PRO A 112 -4.45 -3.20 24.08
C PRO A 112 -5.02 -3.75 22.79
N GLY A 113 -4.23 -3.69 21.72
CA GLY A 113 -4.66 -4.06 20.38
C GLY A 113 -4.48 -2.97 19.35
N VAL A 114 -3.92 -1.82 19.70
CA VAL A 114 -3.69 -0.73 18.78
C VAL A 114 -2.23 -0.33 18.88
N LYS A 115 -1.51 -0.38 17.75
CA LYS A 115 -0.10 -0.04 17.68
C LYS A 115 0.08 1.28 16.96
N HIS A 116 1.33 1.76 16.95
CA HIS A 116 1.64 3.03 16.32
C HIS A 116 3.10 3.04 15.88
N GLN A 117 3.38 3.79 14.82
CA GLN A 117 4.72 3.94 14.26
C GLN A 117 4.92 5.39 13.86
N ARG A 118 6.13 5.90 14.08
CA ARG A 118 6.46 7.29 13.82
C ARG A 118 7.44 7.42 12.66
N LEU A 119 7.35 8.54 11.95
CA LEU A 119 8.27 8.87 10.87
C LEU A 119 8.54 10.36 10.90
N LEU A 120 9.81 10.74 10.87
CA LEU A 120 10.23 12.13 10.79
C LEU A 120 10.51 12.47 9.33
N MET A 121 9.81 13.48 8.82
CA MET A 121 9.87 13.80 7.41
C MET A 121 10.97 14.81 7.11
N HIS A 122 11.24 14.99 5.81
CA HIS A 122 12.33 15.87 5.38
C HIS A 122 12.07 17.32 5.76
N ASP A 123 10.80 17.73 5.84
CA ASP A 123 10.44 19.08 6.25
C ASP A 123 10.26 19.20 7.76
N ASN A 124 10.85 18.28 8.53
CA ASN A 124 10.81 18.25 9.99
C ASN A 124 9.40 18.06 10.55
N THR A 125 8.43 17.69 9.71
CA THR A 125 7.11 17.34 10.20
C THR A 125 7.10 15.90 10.66
N LEU A 126 6.49 15.64 11.82
CA LEU A 126 6.40 14.30 12.38
C LEU A 126 5.08 13.67 11.96
N CYS A 127 5.15 12.51 11.31
CA CYS A 127 3.98 11.73 10.95
C CYS A 127 3.91 10.50 11.85
N VAL A 128 2.77 10.32 12.50
CA VAL A 128 2.54 9.17 13.37
C VAL A 128 1.35 8.40 12.82
N LYS A 129 1.56 7.11 12.55
CA LYS A 129 0.52 6.25 12.04
C LYS A 129 -0.09 5.45 13.20
N ILE A 130 -1.41 5.51 13.32
CA ILE A 130 -2.15 4.71 14.30
C ILE A 130 -2.85 3.59 13.53
N PHE A 131 -2.57 2.35 13.90
CA PHE A 131 -3.10 1.21 13.17
C PHE A 131 -3.44 0.08 14.13
N SER A 132 -4.36 -0.77 13.68
CA SER A 132 -4.75 -1.98 14.40
C SER A 132 -5.05 -3.08 13.41
N GLN A 133 -6.00 -3.96 13.72
CA GLN A 133 -6.40 -5.00 12.80
C GLN A 133 -7.40 -4.52 11.75
N ASN A 134 -7.95 -3.31 11.91
CA ASN A 134 -8.98 -2.80 11.02
C ASN A 134 -8.47 -1.74 10.05
N GLY A 135 -7.17 -1.43 10.07
CA GLY A 135 -6.62 -0.48 9.14
C GLY A 135 -5.63 0.44 9.83
N TYR A 136 -5.27 1.52 9.15
CA TYR A 136 -4.32 2.49 9.65
C TYR A 136 -4.87 3.90 9.49
N PHE A 137 -4.27 4.83 10.23
CA PHE A 137 -4.61 6.25 10.12
C PHE A 137 -3.38 7.06 10.48
N GLN A 138 -3.11 8.11 9.71
CA GLN A 138 -1.90 8.91 9.85
C GLN A 138 -2.24 10.27 10.43
N LEU A 139 -1.42 10.72 11.37
CA LEU A 139 -1.56 12.04 11.99
C LEU A 139 -0.29 12.84 11.72
N PHE A 140 -0.44 13.99 11.08
CA PHE A 140 0.69 14.88 10.78
C PHE A 140 0.71 16.02 11.78
N ILE A 141 1.86 16.22 12.42
CA ILE A 141 1.99 17.26 13.44
C ILE A 141 2.85 18.40 12.93
N UNK A 150 -2.62 18.78 24.52
CA UNK A 150 -3.59 17.82 24.01
C UNK A 150 -3.44 17.66 22.49
N UNK A 151 -4.47 17.11 21.86
CA UNK A 151 -4.47 16.86 20.42
C UNK A 151 -5.69 17.54 19.81
N UNK A 152 -5.44 18.52 18.94
CA UNK A 152 -6.50 19.26 18.26
C UNK A 152 -6.24 19.23 16.77
N UNK A 153 -7.31 19.06 15.99
CA UNK A 153 -7.21 18.98 14.54
C UNK A 153 -8.13 20.01 13.90
N UNK A 154 -7.61 20.72 12.90
CA UNK A 154 -8.37 21.76 12.19
C UNK A 154 -9.23 21.09 11.12
N UNK A 155 -10.51 20.89 11.41
CA UNK A 155 -11.44 20.31 10.47
C UNK A 155 -12.14 21.42 9.68
N UNK A 156 -12.20 21.24 8.36
CA UNK A 156 -12.84 22.22 7.50
C UNK A 156 -14.34 22.30 7.80
N UNK A 157 -14.83 23.52 7.99
CA UNK A 157 -16.25 23.74 8.33
C UNK A 157 -17.04 23.82 7.04
N UNK A 158 -17.60 22.68 6.64
CA UNK A 158 -18.45 22.58 5.45
C UNK A 158 -19.74 21.89 5.83
N UNK A 159 -20.86 22.60 5.67
CA UNK A 159 -22.15 22.05 6.05
C UNK A 159 -22.54 20.92 5.11
N UNK A 160 -23.02 19.81 5.69
CA UNK A 160 -23.43 18.62 4.94
C UNK A 160 -22.29 18.11 4.07
N UNK A 161 -21.17 17.82 4.72
CA UNK A 161 -19.98 17.33 4.04
C UNK A 161 -19.53 16.01 4.68
N UNK A 162 -18.91 15.17 3.85
CA UNK A 162 -18.38 13.88 4.28
C UNK A 162 -16.95 13.99 4.84
N UNK A 163 -16.49 15.20 5.15
CA UNK A 163 -15.16 15.37 5.71
C UNK A 163 -15.07 14.82 7.13
N UNK A 164 -16.20 14.72 7.84
CA UNK A 164 -16.21 14.15 9.18
C UNK A 164 -16.03 12.63 9.16
N UNK A 165 -16.10 11.99 8.00
CA UNK A 165 -15.90 10.55 7.91
C UNK A 165 -14.49 10.14 8.30
N UNK A 166 -13.54 11.08 8.30
CA UNK A 166 -12.19 10.76 8.75
C UNK A 166 -12.17 10.44 10.23
N UNK A 167 -12.97 11.15 11.03
CA UNK A 167 -13.05 10.85 12.46
C UNK A 167 -13.74 9.52 12.70
N UNK A 168 -14.74 9.19 11.87
CA UNK A 168 -15.39 7.89 12.00
C UNK A 168 -14.45 6.75 11.61
N UNK A 169 -13.60 6.98 10.60
CA UNK A 169 -12.62 5.97 10.21
C UNK A 169 -11.59 5.77 11.30
N UNK A 170 -11.16 6.86 11.96
CA UNK A 170 -10.21 6.72 13.06
C UNK A 170 -10.83 6.00 14.25
N UNK A 171 -12.12 6.22 14.49
CA UNK A 171 -12.80 5.50 15.57
C UNK A 171 -12.90 4.01 15.26
N UNK A 172 -13.09 3.66 13.99
CA UNK A 172 -13.17 2.25 13.61
C UNK A 172 -11.82 1.57 13.77
N UNK A 173 -10.72 2.31 13.65
CA UNK A 173 -9.39 1.71 13.82
C UNK A 173 -9.06 1.50 15.29
N UNK A 174 -9.48 2.44 16.15
CA UNK A 174 -9.22 2.33 17.58
C UNK A 174 -10.21 1.44 18.31
N UNK A 175 -11.25 0.96 17.63
CA UNK A 175 -12.23 0.08 18.26
C UNK A 175 -11.89 -1.39 18.01
N LYS A 186 -14.77 -7.33 -1.78
CA LYS A 186 -14.08 -7.07 -3.05
C LYS A 186 -12.57 -7.16 -2.88
N GLU A 187 -12.09 -6.80 -1.68
CA GLU A 187 -10.65 -6.80 -1.44
C GLU A 187 -10.08 -8.22 -1.41
N GLU A 188 -10.90 -9.21 -1.06
CA GLU A 188 -10.46 -10.59 -1.21
C GLU A 188 -10.40 -10.99 -2.68
N GLN A 189 -11.19 -10.36 -3.53
CA GLN A 189 -11.06 -10.56 -4.96
C GLN A 189 -9.91 -9.75 -5.54
N TYR A 190 -9.65 -8.57 -4.97
CA TYR A 190 -8.53 -7.75 -5.45
C TYR A 190 -7.20 -8.43 -5.16
N LEU A 191 -7.06 -9.04 -3.98
CA LEU A 191 -5.83 -9.75 -3.67
C LEU A 191 -5.64 -10.97 -4.56
N GLY A 192 -6.74 -11.60 -4.99
CA GLY A 192 -6.64 -12.69 -5.94
C GLY A 192 -6.13 -12.25 -7.30
N LEU A 193 -6.41 -11.00 -7.68
CA LEU A 193 -5.85 -10.46 -8.92
C LEU A 193 -4.34 -10.31 -8.82
N LEU A 194 -3.84 -9.86 -7.66
CA LEU A 194 -2.40 -9.75 -7.47
C LEU A 194 -1.74 -11.11 -7.40
N LYS A 195 -2.47 -12.13 -6.92
CA LYS A 195 -1.94 -13.49 -6.94
C LYS A 195 -1.69 -13.96 -8.38
N THR A 196 -2.54 -13.53 -9.32
CA THR A 196 -2.34 -13.87 -10.72
C THR A 196 -1.07 -13.22 -11.27
N ILE A 197 -0.76 -12.01 -10.82
CA ILE A 197 0.49 -11.36 -11.24
C ILE A 197 1.69 -12.14 -10.71
N ASP A 198 1.61 -12.61 -9.46
CA ASP A 198 2.68 -13.45 -8.92
C ASP A 198 2.86 -14.72 -9.75
N ASP A 199 1.76 -15.29 -10.22
CA ASP A 199 1.85 -16.49 -11.06
C ASP A 199 2.52 -16.18 -12.38
N ARG A 200 2.24 -15.01 -12.97
CA ARG A 200 2.86 -14.65 -14.25
C ARG A 200 4.36 -14.44 -14.09
N LYS A 201 4.77 -13.66 -13.08
CA LYS A 201 6.19 -13.41 -12.87
C LYS A 201 6.96 -14.65 -12.50
N GLN A 202 6.27 -15.72 -12.05
CA GLN A 202 6.93 -16.99 -11.81
C GLN A 202 7.18 -17.77 -13.09
N GLY A 203 6.53 -17.40 -14.19
CA GLY A 203 6.70 -18.07 -15.46
C GLY A 203 5.49 -18.83 -15.95
N PHE A 204 4.37 -18.79 -15.22
CA PHE A 204 3.17 -19.49 -15.64
C PHE A 204 2.48 -18.73 -16.76
N SER A 205 1.99 -19.48 -17.76
CA SER A 205 1.32 -18.88 -18.90
C SER A 205 -0.14 -18.59 -18.56
N HIS A 206 -0.82 -17.90 -19.49
CA HIS A 206 -2.23 -17.60 -19.31
C HIS A 206 -3.05 -18.87 -19.21
N ARG A 207 -2.72 -19.88 -20.02
CA ARG A 207 -3.44 -21.15 -19.96
C ARG A 207 -3.16 -21.87 -18.65
N ASP A 208 -1.93 -21.79 -18.14
CA ASP A 208 -1.60 -22.38 -16.84
C ASP A 208 -2.47 -21.78 -15.75
N ILE A 209 -2.61 -20.45 -15.74
CA ILE A 209 -3.43 -19.80 -14.73
C ILE A 209 -4.91 -20.11 -14.95
N ALA A 210 -5.33 -20.28 -16.21
CA ALA A 210 -6.71 -20.67 -16.49
C ALA A 210 -7.01 -22.05 -15.92
N SER A 211 -6.08 -23.00 -16.07
CA SER A 211 -6.26 -24.32 -15.49
C SER A 211 -6.27 -24.27 -13.96
N GLU A 212 -5.48 -23.36 -13.38
CA GLU A 212 -5.44 -23.24 -11.93
C GLU A 212 -6.78 -22.78 -11.37
N ILE A 213 -7.50 -21.95 -12.12
CA ILE A 213 -8.75 -21.38 -11.63
C ILE A 213 -9.96 -22.21 -12.05
N PHE A 214 -9.98 -22.69 -13.28
CA PHE A 214 -11.16 -23.38 -13.82
C PHE A 214 -11.01 -24.89 -13.90
N GLY A 215 -9.80 -25.42 -13.86
CA GLY A 215 -9.63 -26.85 -13.93
C GLY A 215 -9.04 -27.28 -15.27
N LYS A 216 -8.26 -28.37 -15.23
CA LYS A 216 -7.59 -28.84 -16.44
C LYS A 216 -8.58 -29.29 -17.50
N GLU A 217 -9.68 -29.94 -17.07
CA GLU A 217 -10.65 -30.46 -18.04
C GLU A 217 -11.38 -29.32 -18.75
N LEU A 218 -11.80 -28.30 -18.01
CA LEU A 218 -12.51 -27.18 -18.62
C LEU A 218 -11.62 -26.44 -19.61
N VAL A 219 -10.34 -26.28 -19.30
CA VAL A 219 -9.44 -25.52 -20.16
C VAL A 219 -9.14 -26.30 -21.44
N LYS A 220 -8.88 -27.60 -21.32
CA LYS A 220 -8.61 -28.41 -22.51
C LYS A 220 -9.80 -28.41 -23.47
N ASN A 221 -11.02 -28.28 -22.94
CA ASN A 221 -12.21 -28.31 -23.79
C ASN A 221 -12.53 -26.96 -24.39
N GLU A 222 -12.20 -25.87 -23.69
CA GLU A 222 -12.69 -24.54 -24.07
C GLU A 222 -11.62 -23.58 -24.55
N TRP A 223 -10.34 -23.85 -24.30
CA TRP A 223 -9.29 -22.92 -24.70
C TRP A 223 -9.24 -22.81 -26.22
N SER A 224 -9.25 -21.59 -26.72
CA SER A 224 -9.24 -21.33 -28.15
C SER A 224 -8.64 -19.95 -28.40
N ALA A 225 -8.73 -19.48 -29.64
CA ALA A 225 -8.18 -18.17 -29.99
C ALA A 225 -9.00 -17.05 -29.37
N ASP A 226 -10.30 -17.03 -29.63
CA ASP A 226 -11.21 -16.02 -29.10
C ASP A 226 -12.13 -16.62 -28.04
N SER A 227 -11.60 -17.53 -27.23
CA SER A 227 -12.40 -18.19 -26.21
C SER A 227 -12.62 -17.26 -25.03
N TRP A 228 -13.73 -17.49 -24.31
CA TRP A 228 -14.04 -16.66 -23.17
C TRP A 228 -13.16 -16.98 -21.96
N VAL A 229 -12.71 -18.24 -21.84
CA VAL A 229 -11.81 -18.59 -20.75
C VAL A 229 -10.49 -17.85 -20.88
N ARG A 230 -9.99 -17.71 -22.12
CA ARG A 230 -8.78 -16.94 -22.35
C ARG A 230 -9.02 -15.45 -22.11
N ALA A 231 -10.22 -14.97 -22.46
CA ALA A 231 -10.53 -13.55 -22.26
C ALA A 231 -10.66 -13.21 -20.79
N LYS A 232 -11.20 -14.14 -19.99
CA LYS A 232 -11.31 -13.90 -18.55
C LYS A 232 -9.93 -13.76 -17.91
N ILE A 233 -9.00 -14.65 -18.26
CA ILE A 233 -7.65 -14.58 -17.70
C ILE A 233 -6.96 -13.30 -18.14
N ARG A 234 -7.15 -12.90 -19.40
CA ARG A 234 -6.60 -11.64 -19.87
C ARG A 234 -7.18 -10.47 -19.10
N TYR A 235 -8.48 -10.53 -18.77
CA TYR A 235 -9.09 -9.46 -18.00
C TYR A 235 -8.55 -9.41 -16.58
N ARG A 236 -8.21 -10.56 -16.00
CA ARG A 236 -7.55 -10.57 -14.70
C ARG A 236 -6.22 -9.81 -14.75
N ILE A 237 -5.42 -10.07 -15.78
CA ILE A 237 -4.13 -9.42 -15.91
C ILE A 237 -4.31 -7.92 -16.08
N LYS A 238 -5.22 -7.52 -16.96
CA LYS A 238 -5.44 -6.09 -17.22
C LYS A 238 -5.91 -5.38 -15.95
N LYS A 239 -6.84 -5.99 -15.21
CA LYS A 239 -7.30 -5.40 -13.96
C LYS A 239 -6.15 -5.19 -12.99
N ALA A 240 -5.33 -6.24 -12.80
CA ALA A 240 -4.23 -6.15 -11.84
C ALA A 240 -3.15 -5.19 -12.32
N ASN A 241 -2.81 -5.24 -13.61
CA ASN A 241 -1.81 -4.32 -14.15
C ASN A 241 -2.20 -2.87 -13.93
N ALA A 242 -3.49 -2.55 -14.13
CA ALA A 242 -3.94 -1.19 -13.91
C ALA A 242 -3.79 -0.78 -12.46
N LEU A 243 -4.07 -1.69 -11.53
CA LEU A 243 -3.87 -1.41 -10.11
C LEU A 243 -2.39 -1.21 -9.81
N ILE A 244 -1.54 -2.05 -10.39
CA ILE A 244 -0.11 -2.00 -10.10
C ILE A 244 0.52 -0.74 -10.72
N ASN A 245 0.11 -0.39 -11.93
CA ASN A 245 0.65 0.78 -12.63
C ASN A 245 -0.12 2.02 -12.19
N TYR A 246 0.07 2.39 -10.92
CA TYR A 246 -0.41 3.59 -10.26
C TYR A 246 -1.92 3.59 -10.00
N GLY A 247 -2.65 2.52 -10.37
CA GLY A 247 -4.04 2.44 -9.99
C GLY A 247 -4.25 2.36 -8.48
N TYR A 248 -3.22 1.95 -7.74
CA TYR A 248 -3.31 1.92 -6.29
C TYR A 248 -3.48 3.32 -5.70
N LEU A 249 -3.10 4.36 -6.44
CA LEU A 249 -3.26 5.72 -5.95
C LEU A 249 -4.72 6.05 -5.66
N ASN A 250 -5.65 5.48 -6.42
CA ASN A 250 -7.06 5.70 -6.21
C ASN A 250 -7.59 4.97 -4.98
N PHE A 251 -6.76 4.21 -4.28
CA PHE A 251 -7.15 3.52 -3.06
C PHE A 251 -6.59 4.17 -1.80
N LEU A 252 -5.85 5.26 -1.94
CA LEU A 252 -5.25 5.94 -0.80
C LEU A 252 -6.25 6.87 -0.12
#